data_2JEQ
#
_entry.id   2JEQ
#
_cell.length_a   85.066
_cell.length_b   89.160
_cell.length_c   38.705
_cell.angle_alpha   90.00
_cell.angle_beta   90.00
_cell.angle_gamma   90.00
#
_symmetry.space_group_name_H-M   'P 21 21 2'
#
loop_
_entity.id
_entity.type
_entity.pdbx_description
1 polymer XYLOGLUCANASE
2 branched beta-D-glucopyranose-(1-4)-[alpha-D-xylopyranose-(1-6)]beta-D-glucopyranose-(1-4)-[beta-D-galactopyranose-(1-2)-alpha-D-xylopyranose-(1-6)]beta-D-glucopyranose-(1-4)-beta-D-glucopyranose
3 water water
#
_entity_poly.entity_id   1
_entity_poly.type   'polypeptide(L)'
_entity_poly.pdbx_seq_one_letter_code
;MFKKWKKFGISSLALVLVAAVAFTGWSAKASAADASQIVSEMGAGWNLGNQLEAAVNGTPNETAWGNPTVTPELIKKVKA
AGFKSIRIPVSYLNNIGSAPNYTINAAWLNRIQQVVDYAYNEGLYVIINIHGDGYNSVQGGWLLVNGGNQTAIKEKYKKV
WQQIATKFSNYNDRLIFESMNEVFDGNYGNPNSAYYTNLNAYNQIFVDTVRQTGGNNNARWLLVPGWNTNIDYTVGNYGF
TLPTDNYRSSAIPSSQKRIMISAHYYSPWDFAGEENGNITQWGATSTNPAKKSTWGQEDYLESQFKSMYDKFVTQGYPVV
IGEFGSIDKTSYDSSNNVYRAAYAKAVTAKAKKYKMVPVYWDNGHNGQHGFALFNRSNNTVTQQNIINAIMQGMQ
;
_entity_poly.pdbx_strand_id   A
#
# COMPACT_ATOMS: atom_id res chain seq x y z
N GLN A 37 -8.28 -6.76 17.98
CA GLN A 37 -7.31 -5.78 17.39
CA GLN A 37 -7.34 -5.75 17.41
C GLN A 37 -7.85 -5.21 16.08
N ILE A 38 -7.34 -4.04 15.69
CA ILE A 38 -7.57 -3.56 14.34
C ILE A 38 -6.97 -4.58 13.35
N VAL A 39 -5.81 -5.14 13.69
CA VAL A 39 -5.12 -6.07 12.79
C VAL A 39 -5.93 -7.33 12.47
N SER A 40 -6.53 -7.97 13.47
CA SER A 40 -7.31 -9.19 13.24
CA SER A 40 -7.29 -9.18 13.24
C SER A 40 -8.57 -8.92 12.44
N GLU A 41 -9.21 -7.80 12.70
CA GLU A 41 -10.41 -7.42 11.94
C GLU A 41 -10.14 -7.18 10.45
N MET A 42 -8.94 -6.70 10.14
CA MET A 42 -8.56 -6.40 8.78
C MET A 42 -8.20 -7.65 7.98
N GLY A 43 -7.80 -8.72 8.67
CA GLY A 43 -7.57 -10.01 8.00
C GLY A 43 -6.53 -9.84 6.91
N ALA A 44 -6.78 -10.45 5.76
CA ALA A 44 -5.90 -10.28 4.62
C ALA A 44 -6.44 -9.23 3.65
N GLY A 45 -5.53 -8.46 3.04
CA GLY A 45 -5.89 -7.41 2.12
C GLY A 45 -5.64 -7.73 0.67
N TRP A 46 -6.36 -7.01 -0.18
CA TRP A 46 -6.20 -7.11 -1.62
C TRP A 46 -6.10 -5.70 -2.24
N ASN A 47 -5.14 -5.48 -3.11
CA ASN A 47 -5.03 -4.19 -3.81
C ASN A 47 -5.84 -4.13 -5.10
N LEU A 48 -6.61 -3.05 -5.27
CA LEU A 48 -7.33 -2.79 -6.50
C LEU A 48 -6.37 -2.07 -7.43
N GLY A 49 -5.32 -2.79 -7.83
CA GLY A 49 -4.17 -2.16 -8.51
C GLY A 49 -4.42 -1.93 -9.97
N ASN A 50 -3.65 -1.00 -10.55
CA ASN A 50 -3.90 -0.49 -11.93
C ASN A 50 -5.35 -0.03 -12.25
N GLN A 51 -5.93 0.74 -11.33
CA GLN A 51 -7.26 1.34 -11.59
C GLN A 51 -7.24 2.83 -11.30
N LEU A 52 -7.61 3.21 -10.09
CA LEU A 52 -7.76 4.62 -9.80
C LEU A 52 -6.41 5.35 -9.72
N GLU A 53 -5.28 4.61 -9.70
CA GLU A 53 -3.94 5.24 -9.78
C GLU A 53 -3.41 5.35 -11.20
N ALA A 54 -4.04 4.63 -12.12
CA ALA A 54 -3.64 4.61 -13.51
C ALA A 54 -3.81 5.99 -14.12
N ALA A 55 -2.81 6.44 -14.86
CA ALA A 55 -2.87 7.75 -15.47
C ALA A 55 -2.03 7.77 -16.72
N VAL A 56 -2.53 8.50 -17.71
CA VAL A 56 -1.77 8.77 -18.94
C VAL A 56 -1.72 10.25 -19.28
N ASN A 57 -0.50 10.69 -19.58
CA ASN A 57 -0.19 12.09 -19.83
C ASN A 57 -0.54 12.97 -18.65
N GLY A 58 -0.48 12.40 -17.44
CA GLY A 58 -0.76 13.13 -16.21
C GLY A 58 -2.20 13.13 -15.73
N THR A 59 -3.10 12.49 -16.49
CA THR A 59 -4.53 12.51 -16.17
C THR A 59 -5.01 11.11 -15.73
N PRO A 60 -5.45 10.99 -14.48
CA PRO A 60 -5.96 9.71 -13.93
C PRO A 60 -7.13 9.15 -14.72
N ASN A 61 -7.14 7.82 -14.91
CA ASN A 61 -8.06 7.19 -15.83
C ASN A 61 -8.01 5.71 -15.52
N GLU A 62 -9.08 5.20 -14.89
CA GLU A 62 -9.06 3.85 -14.32
C GLU A 62 -9.01 2.71 -15.37
N THR A 63 -9.30 3.04 -16.62
CA THR A 63 -9.24 2.09 -17.74
C THR A 63 -7.97 2.19 -18.60
N ALA A 64 -7.02 3.05 -18.20
CA ALA A 64 -5.84 3.34 -19.02
C ALA A 64 -4.76 2.25 -18.98
N TRP A 65 -4.80 1.43 -17.94
CA TRP A 65 -3.81 0.39 -17.77
C TRP A 65 -4.39 -1.04 -17.88
N GLY A 66 -5.25 -1.27 -18.87
CA GLY A 66 -5.66 -2.65 -19.25
C GLY A 66 -6.80 -3.27 -18.43
N ASN A 67 -7.26 -2.57 -17.42
CA ASN A 67 -8.42 -3.07 -16.67
C ASN A 67 -9.72 -2.35 -17.04
N PRO A 68 -10.87 -3.04 -16.87
CA PRO A 68 -12.18 -2.44 -17.07
C PRO A 68 -12.57 -1.47 -15.95
N THR A 69 -13.59 -0.64 -16.18
CA THR A 69 -14.05 0.28 -15.14
C THR A 69 -14.46 -0.58 -13.95
N VAL A 70 -14.07 -0.20 -12.73
CA VAL A 70 -14.39 -0.98 -11.54
C VAL A 70 -15.93 -1.01 -11.34
N THR A 71 -16.44 -2.16 -10.93
CA THR A 71 -17.86 -2.37 -10.69
C THR A 71 -17.95 -3.04 -9.32
N PRO A 72 -19.10 -2.90 -8.64
CA PRO A 72 -19.23 -3.50 -7.30
C PRO A 72 -19.10 -5.04 -7.25
N GLU A 73 -19.46 -5.73 -8.34
CA GLU A 73 -19.38 -7.18 -8.41
C GLU A 73 -17.94 -7.67 -8.24
N LEU A 74 -16.96 -6.90 -8.76
CA LEU A 74 -15.55 -7.23 -8.53
C LEU A 74 -15.18 -7.29 -7.05
N ILE A 75 -15.57 -6.26 -6.32
CA ILE A 75 -15.29 -6.17 -4.89
C ILE A 75 -16.05 -7.25 -4.13
N LYS A 76 -17.29 -7.54 -4.53
CA LYS A 76 -18.02 -8.68 -3.95
C LYS A 76 -17.29 -10.03 -4.15
N LYS A 77 -16.69 -10.21 -5.33
CA LYS A 77 -15.93 -11.44 -5.61
CA LYS A 77 -15.91 -11.43 -5.64
C LYS A 77 -14.67 -11.56 -4.73
N VAL A 78 -13.93 -10.47 -4.58
CA VAL A 78 -12.72 -10.46 -3.75
C VAL A 78 -13.07 -10.79 -2.29
N LYS A 79 -14.15 -10.20 -1.79
CA LYS A 79 -14.64 -10.50 -0.45
C LYS A 79 -15.00 -11.98 -0.30
N ALA A 80 -15.74 -12.52 -1.28
CA ALA A 80 -16.05 -13.95 -1.37
C ALA A 80 -14.81 -14.85 -1.36
N ALA A 81 -13.70 -14.37 -1.90
CA ALA A 81 -12.46 -15.13 -1.89
C ALA A 81 -11.83 -15.23 -0.48
N GLY A 82 -12.34 -14.47 0.49
CA GLY A 82 -11.78 -14.44 1.86
C GLY A 82 -11.11 -13.14 2.33
N PHE A 83 -10.91 -12.19 1.42
CA PHE A 83 -10.27 -10.91 1.74
C PHE A 83 -11.19 -10.00 2.55
N LYS A 84 -10.62 -9.31 3.53
CA LYS A 84 -11.43 -8.55 4.50
C LYS A 84 -11.08 -7.08 4.46
N SER A 85 -10.03 -6.74 3.73
CA SER A 85 -9.67 -5.34 3.47
CA SER A 85 -9.69 -5.34 3.47
C SER A 85 -9.29 -5.14 2.02
N ILE A 86 -9.60 -3.96 1.49
CA ILE A 86 -9.20 -3.63 0.14
C ILE A 86 -8.33 -2.40 0.17
N ARG A 87 -7.22 -2.42 -0.54
CA ARG A 87 -6.46 -1.18 -0.68
C ARG A 87 -6.70 -0.62 -2.06
N ILE A 88 -6.92 0.69 -2.10
CA ILE A 88 -7.33 1.42 -3.28
C ILE A 88 -6.31 2.51 -3.58
N PRO A 89 -5.32 2.19 -4.42
CA PRO A 89 -4.43 3.21 -4.95
C PRO A 89 -5.23 4.27 -5.69
N VAL A 90 -5.01 5.55 -5.39
CA VAL A 90 -5.64 6.65 -6.15
C VAL A 90 -4.59 7.69 -6.50
N SER A 91 -4.59 8.10 -7.78
CA SER A 91 -3.76 9.20 -8.27
C SER A 91 -4.58 10.46 -8.50
N TYR A 92 -3.95 11.59 -8.25
CA TYR A 92 -4.61 12.87 -8.44
C TYR A 92 -4.06 13.66 -9.63
N LEU A 93 -2.78 14.00 -9.57
CA LEU A 93 -2.04 14.55 -10.73
C LEU A 93 -2.74 15.73 -11.39
N ASN A 94 -3.09 15.64 -12.66
CA ASN A 94 -3.68 16.80 -13.33
C ASN A 94 -5.14 17.09 -13.02
N ASN A 95 -5.77 16.16 -12.30
CA ASN A 95 -7.10 16.37 -11.75
C ASN A 95 -7.11 17.38 -10.58
N ILE A 96 -5.93 17.84 -10.20
CA ILE A 96 -5.74 18.90 -9.22
C ILE A 96 -5.64 20.24 -9.96
N GLY A 97 -6.54 21.15 -9.64
CA GLY A 97 -6.54 22.48 -10.26
C GLY A 97 -5.35 23.33 -9.81
N SER A 98 -5.27 24.55 -10.33
CA SER A 98 -4.10 25.39 -10.07
C SER A 98 -4.05 25.97 -8.66
N ALA A 99 -2.88 26.52 -8.32
CA ALA A 99 -2.70 27.26 -7.07
C ALA A 99 -3.51 28.54 -7.12
N PRO A 100 -3.91 29.05 -5.94
CA PRO A 100 -3.64 28.59 -4.58
C PRO A 100 -4.63 27.57 -4.01
N ASN A 101 -5.65 27.21 -4.78
CA ASN A 101 -6.72 26.37 -4.23
C ASN A 101 -6.53 24.88 -4.45
N TYR A 102 -5.85 24.53 -5.53
CA TYR A 102 -5.56 23.13 -5.84
C TYR A 102 -6.85 22.31 -5.76
N THR A 103 -7.93 22.85 -6.29
CA THR A 103 -9.24 22.17 -6.31
C THR A 103 -9.19 20.90 -7.15
N ILE A 104 -9.64 19.79 -6.58
CA ILE A 104 -9.67 18.48 -7.25
C ILE A 104 -10.96 18.34 -8.05
N ASN A 105 -10.87 17.92 -9.31
CA ASN A 105 -12.07 17.77 -10.14
C ASN A 105 -13.15 17.07 -9.33
N ALA A 106 -14.29 17.74 -9.19
CA ALA A 106 -15.44 17.16 -8.51
C ALA A 106 -15.79 15.75 -9.00
N ALA A 107 -15.77 15.56 -10.32
CA ALA A 107 -16.10 14.25 -10.90
C ALA A 107 -15.11 13.18 -10.47
N TRP A 108 -13.87 13.60 -10.19
CA TRP A 108 -12.86 12.64 -9.76
C TRP A 108 -13.11 12.21 -8.31
N LEU A 109 -13.37 13.17 -7.41
CA LEU A 109 -13.74 12.83 -6.03
C LEU A 109 -15.02 12.01 -5.97
N ASN A 110 -16.00 12.38 -6.79
CA ASN A 110 -17.22 11.58 -6.86
C ASN A 110 -16.96 10.17 -7.35
N ARG A 111 -16.04 9.98 -8.29
CA ARG A 111 -15.70 8.60 -8.75
C ARG A 111 -15.03 7.79 -7.64
N ILE A 112 -14.04 8.40 -7.00
CA ILE A 112 -13.32 7.75 -5.93
C ILE A 112 -14.31 7.33 -4.84
N GLN A 113 -15.26 8.21 -4.53
CA GLN A 113 -16.21 7.94 -3.47
C GLN A 113 -17.13 6.75 -3.87
N GLN A 114 -17.53 6.66 -5.14
CA GLN A 114 -18.31 5.49 -5.63
C GLN A 114 -17.51 4.18 -5.42
N VAL A 115 -16.22 4.21 -5.81
CA VAL A 115 -15.38 3.01 -5.70
C VAL A 115 -15.19 2.62 -4.23
N VAL A 116 -14.81 3.58 -3.38
CA VAL A 116 -14.72 3.33 -1.94
C VAL A 116 -16.04 2.72 -1.37
N ASP A 117 -17.17 3.31 -1.75
CA ASP A 117 -18.49 2.73 -1.40
C ASP A 117 -18.62 1.28 -1.76
N TYR A 118 -18.23 0.88 -2.97
CA TYR A 118 -18.30 -0.55 -3.32
C TYR A 118 -17.69 -1.45 -2.25
N ALA A 119 -16.60 -1.00 -1.64
CA ALA A 119 -15.92 -1.79 -0.60
C ALA A 119 -16.52 -1.54 0.77
N TYR A 120 -16.72 -0.26 1.08
CA TYR A 120 -17.17 0.14 2.39
C TYR A 120 -18.56 -0.38 2.72
N ASN A 121 -19.44 -0.36 1.72
CA ASN A 121 -20.82 -0.85 1.88
C ASN A 121 -20.88 -2.36 2.03
N GLU A 122 -19.76 -3.03 1.73
CA GLU A 122 -19.67 -4.49 1.89
C GLU A 122 -19.16 -4.87 3.29
N GLY A 123 -18.94 -3.88 4.15
CA GLY A 123 -18.40 -4.15 5.50
C GLY A 123 -16.89 -4.37 5.53
N LEU A 124 -16.19 -4.04 4.45
CA LEU A 124 -14.74 -4.22 4.43
C LEU A 124 -14.02 -2.99 4.97
N TYR A 125 -12.75 -3.21 5.32
CA TYR A 125 -11.80 -2.16 5.56
C TYR A 125 -11.26 -1.66 4.21
N VAL A 126 -11.03 -0.38 4.17
CA VAL A 126 -10.72 0.30 2.92
C VAL A 126 -9.62 1.26 3.20
N ILE A 127 -8.59 1.23 2.37
CA ILE A 127 -7.48 2.15 2.48
C ILE A 127 -7.46 2.97 1.19
N ILE A 128 -7.48 4.29 1.33
CA ILE A 128 -7.20 5.18 0.19
C ILE A 128 -5.92 5.95 0.37
N ASN A 129 -5.17 6.12 -0.71
CA ASN A 129 -3.92 6.86 -0.59
C ASN A 129 -3.75 7.97 -1.61
N ILE A 130 -2.54 8.54 -1.65
CA ILE A 130 -2.05 9.29 -2.81
C ILE A 130 -0.91 8.46 -3.44
N HIS A 131 -1.12 7.99 -4.67
CA HIS A 131 -0.26 6.94 -5.26
C HIS A 131 0.73 7.49 -6.30
N GLY A 132 0.28 7.73 -7.53
CA GLY A 132 1.16 8.17 -8.64
C GLY A 132 1.86 9.51 -8.39
N ASP A 133 1.20 10.39 -7.64
CA ASP A 133 1.64 11.77 -7.36
C ASP A 133 3.01 11.87 -6.70
N GLY A 134 3.37 10.85 -5.92
CA GLY A 134 4.63 10.83 -5.16
C GLY A 134 5.84 10.37 -5.94
N TYR A 135 5.63 9.93 -7.20
CA TYR A 135 6.69 9.33 -8.05
C TYR A 135 7.35 10.31 -9.00
N ASN A 136 8.68 10.31 -9.00
CA ASN A 136 9.45 11.03 -9.97
C ASN A 136 9.21 10.49 -11.38
N SER A 137 8.90 9.20 -11.47
CA SER A 137 8.79 8.50 -12.74
C SER A 137 7.38 8.56 -13.36
N VAL A 138 6.42 9.14 -12.63
CA VAL A 138 5.03 9.23 -13.13
C VAL A 138 4.83 10.64 -13.67
N GLN A 139 4.44 10.74 -14.93
CA GLN A 139 4.20 12.05 -15.55
C GLN A 139 3.16 12.82 -14.77
N GLY A 140 3.50 14.05 -14.43
CA GLY A 140 2.68 14.84 -13.53
C GLY A 140 2.97 14.64 -12.05
N GLY A 141 3.89 13.72 -11.71
CA GLY A 141 4.29 13.56 -10.30
C GLY A 141 4.90 14.83 -9.69
N TRP A 142 4.50 15.18 -8.47
CA TRP A 142 4.82 16.51 -7.91
C TRP A 142 5.21 16.47 -6.42
N LEU A 143 4.86 15.38 -5.74
CA LEU A 143 5.13 15.23 -4.32
C LEU A 143 6.51 14.60 -4.25
N LEU A 144 7.50 15.43 -4.53
CA LEU A 144 8.89 14.97 -4.71
C LEU A 144 9.80 15.50 -3.59
N VAL A 145 10.31 14.59 -2.78
CA VAL A 145 11.25 14.90 -1.69
C VAL A 145 12.52 15.52 -2.23
N ASN A 146 12.76 15.35 -3.51
CA ASN A 146 13.94 15.93 -4.14
C ASN A 146 13.57 17.23 -4.85
N GLY A 147 12.32 17.66 -4.66
CA GLY A 147 11.85 18.93 -5.21
C GLY A 147 12.56 20.11 -4.59
N GLY A 148 12.81 21.15 -5.38
CA GLY A 148 13.45 22.35 -4.82
C GLY A 148 12.46 23.27 -4.13
N ASN A 149 11.20 23.15 -4.55
CA ASN A 149 10.11 23.99 -4.06
C ASN A 149 9.32 23.29 -2.92
N GLN A 150 9.95 23.01 -1.80
CA GLN A 150 9.22 22.21 -0.78
C GLN A 150 8.02 22.93 -0.20
N THR A 151 8.13 24.25 -0.05
CA THR A 151 7.02 25.04 0.54
C THR A 151 5.78 24.97 -0.35
N ALA A 152 6.00 24.96 -1.65
CA ALA A 152 4.97 24.74 -2.66
C ALA A 152 4.43 23.31 -2.68
N ILE A 153 5.30 22.32 -2.45
CA ILE A 153 4.85 20.93 -2.44
C ILE A 153 3.95 20.72 -1.24
N LYS A 154 4.41 21.20 -0.10
CA LYS A 154 3.70 20.98 1.15
C LYS A 154 2.33 21.68 1.20
N GLU A 155 2.23 22.84 0.55
CA GLU A 155 0.98 23.58 0.49
C GLU A 155 -0.02 22.84 -0.38
N LYS A 156 0.42 22.35 -1.53
CA LYS A 156 -0.44 21.55 -2.42
C LYS A 156 -0.90 20.27 -1.75
N TYR A 157 0.03 19.57 -1.10
CA TYR A 157 -0.28 18.36 -0.33
C TYR A 157 -1.35 18.62 0.77
N LYS A 158 -1.19 19.69 1.55
CA LYS A 158 -2.11 20.04 2.61
C LYS A 158 -3.52 20.24 2.03
N LYS A 159 -3.62 21.06 0.98
CA LYS A 159 -4.88 21.42 0.33
C LYS A 159 -5.52 20.20 -0.29
N VAL A 160 -4.72 19.29 -0.85
CA VAL A 160 -5.25 18.08 -1.48
C VAL A 160 -5.86 17.16 -0.41
N TRP A 161 -5.09 16.88 0.63
CA TRP A 161 -5.57 16.09 1.77
C TRP A 161 -6.77 16.68 2.49
N GLN A 162 -6.82 18.00 2.57
CA GLN A 162 -7.97 18.73 3.12
C GLN A 162 -9.27 18.33 2.39
N GLN A 163 -9.21 18.33 1.06
CA GLN A 163 -10.36 18.06 0.21
C GLN A 163 -10.73 16.58 0.29
N ILE A 164 -9.74 15.70 0.21
CA ILE A 164 -10.05 14.27 0.36
C ILE A 164 -10.64 14.01 1.73
N ALA A 165 -10.07 14.62 2.77
CA ALA A 165 -10.53 14.34 4.14
C ALA A 165 -11.95 14.92 4.32
N THR A 166 -12.21 16.09 3.76
CA THR A 166 -13.55 16.71 3.80
C THR A 166 -14.54 15.78 3.11
N LYS A 167 -14.15 15.25 1.95
CA LYS A 167 -15.05 14.40 1.15
C LYS A 167 -15.45 13.17 1.97
N PHE A 168 -14.53 12.61 2.75
CA PHE A 168 -14.75 11.33 3.43
C PHE A 168 -15.06 11.44 4.93
N SER A 169 -15.40 12.64 5.38
CA SER A 169 -15.44 12.93 6.82
C SER A 169 -16.45 12.11 7.62
N ASN A 170 -17.56 11.74 6.99
CA ASN A 170 -18.62 10.94 7.66
C ASN A 170 -18.42 9.42 7.64
N TYR A 171 -17.38 8.94 6.95
CA TYR A 171 -17.08 7.52 6.97
C TYR A 171 -16.42 7.11 8.28
N ASN A 172 -16.73 5.90 8.75
CA ASN A 172 -16.18 5.44 10.03
C ASN A 172 -14.77 4.86 9.94
N ASP A 173 -14.32 4.26 11.07
CA ASP A 173 -13.02 3.61 11.24
CA ASP A 173 -13.00 3.64 11.25
C ASP A 173 -12.60 2.58 10.20
N ARG A 174 -13.58 2.01 9.50
CA ARG A 174 -13.27 1.06 8.45
C ARG A 174 -12.63 1.77 7.24
N LEU A 175 -12.75 3.10 7.18
CA LEU A 175 -12.01 3.85 6.15
C LEU A 175 -10.67 4.39 6.68
N ILE A 176 -9.57 3.95 6.06
CA ILE A 176 -8.21 4.34 6.51
C ILE A 176 -7.65 5.27 5.45
N PHE A 177 -6.97 6.35 5.88
CA PHE A 177 -6.21 7.22 4.96
C PHE A 177 -4.76 6.90 5.00
N GLU A 178 -4.20 6.67 3.83
CA GLU A 178 -2.77 6.42 3.71
C GLU A 178 -2.08 7.62 3.05
N SER A 179 -1.13 8.25 3.75
CA SER A 179 -0.62 9.58 3.39
C SER A 179 0.01 9.67 2.00
N MET A 180 0.67 8.59 1.62
CA MET A 180 1.32 8.53 0.34
C MET A 180 1.70 7.08 0.11
N ASN A 181 2.34 6.83 -1.02
CA ASN A 181 2.58 5.45 -1.45
C ASN A 181 4.05 5.15 -1.28
N GLU A 182 4.81 5.12 -2.38
CA GLU A 182 6.26 4.88 -2.30
C GLU A 182 7.03 6.17 -2.61
N VAL A 183 7.54 6.79 -1.56
CA VAL A 183 8.06 8.13 -1.69
C VAL A 183 9.58 8.11 -1.46
N PHE A 184 10.32 8.53 -2.48
CA PHE A 184 11.77 8.56 -2.51
C PHE A 184 12.29 9.40 -3.70
N ASP A 185 13.61 9.45 -3.88
CA ASP A 185 14.20 10.31 -4.90
C ASP A 185 14.51 9.62 -6.21
N GLY A 186 14.03 8.39 -6.36
CA GLY A 186 14.34 7.58 -7.53
C GLY A 186 15.65 6.82 -7.46
N ASN A 187 16.38 6.93 -6.33
CA ASN A 187 17.68 6.27 -6.10
CA ASN A 187 17.62 6.19 -6.18
C ASN A 187 17.55 5.10 -5.12
N TYR A 188 18.15 3.95 -5.43
CA TYR A 188 17.97 2.74 -4.59
C TYR A 188 18.90 2.53 -3.39
N GLY A 189 19.93 3.36 -3.25
CA GLY A 189 20.80 3.22 -2.08
C GLY A 189 20.36 4.00 -0.85
N ASN A 190 21.36 4.27 -0.01
CA ASN A 190 21.19 5.02 1.22
CA ASN A 190 21.13 4.97 1.24
C ASN A 190 20.35 6.30 1.06
N PRO A 191 19.27 6.47 1.87
CA PRO A 191 18.46 7.70 1.73
C PRO A 191 19.19 8.99 2.16
N ASN A 192 19.11 10.01 1.31
CA ASN A 192 19.56 11.36 1.63
C ASN A 192 18.78 11.85 2.85
N SER A 193 19.49 12.31 3.87
CA SER A 193 18.87 12.73 5.13
CA SER A 193 18.85 12.71 5.12
C SER A 193 17.94 13.92 4.93
N ALA A 194 18.38 14.92 4.18
CA ALA A 194 17.54 16.11 3.92
C ALA A 194 16.23 15.70 3.22
N TYR A 195 16.33 14.75 2.31
CA TYR A 195 15.13 14.26 1.63
C TYR A 195 14.24 13.49 2.58
N TYR A 196 14.81 12.71 3.49
CA TYR A 196 13.98 11.97 4.45
C TYR A 196 13.22 12.95 5.33
N THR A 197 13.83 14.09 5.64
CA THR A 197 13.17 15.10 6.44
C THR A 197 11.90 15.64 5.75
N ASN A 198 12.01 15.94 4.45
CA ASN A 198 10.87 16.25 3.60
C ASN A 198 9.77 15.18 3.69
N LEU A 199 10.13 13.92 3.51
CA LEU A 199 9.14 12.81 3.61
C LEU A 199 8.48 12.84 5.01
N ASN A 200 9.32 13.03 6.03
CA ASN A 200 8.79 13.10 7.41
C ASN A 200 7.82 14.29 7.53
N ALA A 201 8.17 15.42 6.91
CA ALA A 201 7.30 16.59 6.92
C ALA A 201 5.91 16.30 6.29
N TYR A 202 5.88 15.50 5.22
CA TYR A 202 4.60 15.19 4.55
C TYR A 202 3.75 14.34 5.45
N ASN A 203 4.34 13.33 6.07
CA ASN A 203 3.60 12.57 7.07
C ASN A 203 2.96 13.45 8.16
N GLN A 204 3.73 14.37 8.71
CA GLN A 204 3.23 15.26 9.77
C GLN A 204 2.10 16.21 9.29
N ILE A 205 2.28 16.83 8.13
CA ILE A 205 1.23 17.66 7.51
C ILE A 205 -0.06 16.85 7.28
N PHE A 206 0.11 15.64 6.73
CA PHE A 206 -1.03 14.73 6.50
C PHE A 206 -1.80 14.50 7.79
N VAL A 207 -1.10 14.06 8.83
CA VAL A 207 -1.76 13.78 10.12
C VAL A 207 -2.55 14.99 10.65
N ASP A 208 -1.85 16.11 10.85
CA ASP A 208 -2.44 17.35 11.41
C ASP A 208 -3.56 17.91 10.53
N THR A 209 -3.36 17.93 9.22
CA THR A 209 -4.41 18.33 8.26
C THR A 209 -5.68 17.50 8.40
N VAL A 210 -5.54 16.18 8.40
CA VAL A 210 -6.69 15.28 8.49
C VAL A 210 -7.40 15.50 9.84
N ARG A 211 -6.62 15.60 10.92
CA ARG A 211 -7.21 15.72 12.27
C ARG A 211 -8.08 16.97 12.40
N GLN A 212 -7.63 18.04 11.76
CA GLN A 212 -8.27 19.33 11.79
C GLN A 212 -9.56 19.44 10.95
N THR A 213 -9.83 18.47 10.08
CA THR A 213 -11.11 18.44 9.38
C THR A 213 -12.22 17.86 10.28
N GLY A 214 -11.82 17.33 11.44
CA GLY A 214 -12.77 16.84 12.45
C GLY A 214 -13.54 15.54 12.21
N GLY A 215 -14.00 14.94 13.33
CA GLY A 215 -14.68 13.61 13.35
C GLY A 215 -15.53 13.30 12.12
N ASN A 216 -15.39 12.10 11.56
CA ASN A 216 -14.65 10.99 12.10
C ASN A 216 -13.16 11.03 11.75
N ASN A 217 -12.72 12.13 11.17
CA ASN A 217 -11.33 12.32 10.78
C ASN A 217 -10.41 12.54 11.97
N ASN A 218 -10.95 13.07 13.07
CA ASN A 218 -10.15 13.31 14.24
C ASN A 218 -9.68 11.99 14.83
N ALA A 219 -10.48 10.94 14.65
CA ALA A 219 -10.22 9.64 15.28
C ALA A 219 -9.71 8.56 14.31
N ARG A 220 -9.85 8.77 13.01
CA ARG A 220 -9.66 7.61 12.14
C ARG A 220 -8.17 7.21 12.09
N TRP A 221 -7.95 5.93 11.85
CA TRP A 221 -6.62 5.40 11.60
C TRP A 221 -5.98 6.06 10.39
N LEU A 222 -4.73 6.52 10.56
CA LEU A 222 -3.95 7.09 9.46
C LEU A 222 -2.68 6.28 9.25
N LEU A 223 -2.44 5.89 8.00
CA LEU A 223 -1.35 4.98 7.63
C LEU A 223 -0.25 5.79 6.95
N VAL A 224 1.00 5.64 7.42
CA VAL A 224 2.13 6.43 6.88
C VAL A 224 3.32 5.51 6.59
N PRO A 225 4.04 5.76 5.48
CA PRO A 225 5.24 4.96 5.23
C PRO A 225 6.52 5.65 5.64
N GLY A 226 7.63 4.92 5.56
CA GLY A 226 8.97 5.53 5.52
C GLY A 226 9.49 5.55 4.08
N TRP A 227 10.81 5.63 3.97
CA TRP A 227 11.51 5.78 2.71
C TRP A 227 11.28 4.62 1.74
N ASN A 228 10.69 4.95 0.59
CA ASN A 228 10.38 3.96 -0.48
C ASN A 228 9.60 2.75 0.01
N THR A 229 8.74 2.95 1.00
CA THR A 229 8.14 1.84 1.79
C THR A 229 9.13 0.69 2.09
N ASN A 230 10.38 1.02 2.36
CA ASN A 230 11.41 0.03 2.52
C ASN A 230 11.67 -0.25 4.01
N ILE A 231 11.48 -1.51 4.42
CA ILE A 231 11.62 -1.91 5.85
C ILE A 231 12.96 -1.46 6.46
N ASP A 232 14.06 -1.69 5.76
CA ASP A 232 15.39 -1.42 6.32
C ASP A 232 15.54 0.07 6.56
N TYR A 233 15.13 0.85 5.58
CA TYR A 233 15.25 2.29 5.67
C TYR A 233 14.19 2.87 6.58
N THR A 234 13.19 2.08 6.96
CA THR A 234 12.14 2.54 7.88
C THR A 234 12.45 2.15 9.34
N VAL A 235 13.07 1.00 9.54
CA VAL A 235 13.41 0.53 10.89
CA VAL A 235 13.40 0.49 10.88
C VAL A 235 14.80 0.97 11.34
N GLY A 236 15.72 1.12 10.39
CA GLY A 236 17.12 1.49 10.71
C GLY A 236 17.26 2.93 11.16
N ASN A 237 18.48 3.36 11.42
CA ASN A 237 18.75 4.74 11.84
CA ASN A 237 18.70 4.76 11.82
C ASN A 237 19.11 5.63 10.64
N TYR A 238 18.19 5.70 9.67
CA TYR A 238 18.36 6.46 8.41
C TYR A 238 17.61 7.81 8.38
N GLY A 239 16.68 8.00 9.31
CA GLY A 239 16.05 9.32 9.48
C GLY A 239 14.57 9.32 9.72
N PHE A 240 13.93 8.17 9.57
CA PHE A 240 12.49 8.09 9.80
C PHE A 240 12.10 8.59 11.19
N THR A 241 11.08 9.46 11.21
CA THR A 241 10.50 9.88 12.49
C THR A 241 9.01 9.62 12.50
N LEU A 242 8.48 9.19 13.65
CA LEU A 242 7.03 9.06 13.76
C LEU A 242 6.35 10.41 13.90
N PRO A 243 5.27 10.62 13.13
CA PRO A 243 4.51 11.84 13.25
C PRO A 243 3.83 11.96 14.62
N THR A 244 3.79 13.17 15.17
CA THR A 244 2.97 13.42 16.38
C THR A 244 1.50 13.50 15.99
N ASP A 245 0.60 13.23 16.94
CA ASP A 245 -0.85 13.33 16.72
C ASP A 245 -1.51 14.32 17.69
N ASN A 246 -0.97 15.55 17.73
CA ASN A 246 -1.34 16.61 18.70
C ASN A 246 -2.69 17.28 18.46
N TYR A 247 -3.16 17.25 17.23
CA TYR A 247 -4.42 17.88 16.86
C TYR A 247 -5.61 16.93 17.06
N ARG A 248 -5.28 15.68 17.37
CA ARG A 248 -6.30 14.71 17.69
C ARG A 248 -6.69 14.96 19.14
N SER A 249 -7.99 15.15 19.36
CA SER A 249 -8.53 15.23 20.71
C SER A 249 -7.69 16.23 21.54
N SER A 250 -7.37 17.36 20.93
CA SER A 250 -6.45 18.35 21.52
CA SER A 250 -6.44 18.33 21.52
C SER A 250 -6.87 18.84 22.89
N ALA A 251 -8.18 18.89 23.15
CA ALA A 251 -8.69 19.39 24.43
C ALA A 251 -8.93 18.31 25.50
N ILE A 252 -8.98 17.05 25.07
CA ILE A 252 -8.93 15.92 25.97
C ILE A 252 -7.86 14.98 25.42
N PRO A 253 -6.57 15.30 25.71
CA PRO A 253 -5.40 14.78 25.01
C PRO A 253 -5.25 13.29 25.01
N SER A 254 -4.82 12.80 23.84
CA SER A 254 -4.06 11.54 23.63
C SER A 254 -4.61 10.29 24.26
N SER A 255 -3.72 9.34 24.62
CA SER A 255 -2.33 9.28 24.15
C SER A 255 -2.16 7.95 23.36
N GLN A 256 -3.28 7.20 23.26
CA GLN A 256 -3.37 5.97 22.47
CA GLN A 256 -3.40 5.97 22.48
C GLN A 256 -3.26 6.27 20.99
N LYS A 257 -2.43 5.50 20.28
CA LYS A 257 -2.11 5.81 18.89
C LYS A 257 -3.19 5.41 17.88
N ARG A 258 -3.51 6.33 16.98
CA ARG A 258 -4.38 6.06 15.85
C ARG A 258 -3.60 6.23 14.56
N ILE A 259 -2.34 5.82 14.61
CA ILE A 259 -1.42 5.85 13.47
CA ILE A 259 -1.43 5.83 13.46
C ILE A 259 -0.90 4.42 13.23
N MET A 260 -0.85 4.01 11.95
CA MET A 260 -0.26 2.75 11.51
C MET A 260 0.94 3.07 10.64
N ILE A 261 1.81 2.08 10.49
CA ILE A 261 3.03 2.22 9.67
C ILE A 261 2.93 1.29 8.47
N SER A 262 3.27 1.83 7.31
CA SER A 262 3.31 1.12 6.03
C SER A 262 4.72 0.64 5.65
N ALA A 263 4.75 -0.52 5.01
CA ALA A 263 5.89 -1.02 4.30
C ALA A 263 5.32 -1.96 3.24
N HIS A 264 6.11 -2.15 2.21
CA HIS A 264 5.81 -3.07 1.12
C HIS A 264 6.96 -4.05 1.13
N TYR A 265 6.72 -5.20 0.51
CA TYR A 265 7.65 -6.29 0.51
C TYR A 265 7.59 -7.02 -0.85
N TYR A 266 8.68 -6.96 -1.59
CA TYR A 266 8.82 -7.71 -2.85
C TYR A 266 10.22 -8.35 -2.92
N SER A 267 10.78 -8.73 -1.78
CA SER A 267 12.10 -9.34 -1.76
C SER A 267 11.93 -10.87 -1.78
N PRO A 268 12.78 -11.60 -2.49
CA PRO A 268 13.86 -11.12 -3.38
C PRO A 268 13.35 -10.65 -4.73
N TRP A 269 13.82 -9.48 -5.16
CA TRP A 269 13.44 -8.93 -6.45
C TRP A 269 13.66 -9.89 -7.61
N ASP A 270 14.72 -10.70 -7.55
CA ASP A 270 15.05 -11.62 -8.64
C ASP A 270 13.90 -12.57 -8.93
N PHE A 271 13.29 -13.11 -7.88
CA PHE A 271 12.11 -13.97 -8.01
C PHE A 271 10.82 -13.17 -8.19
N ALA A 272 10.59 -12.14 -7.37
CA ALA A 272 9.28 -11.48 -7.26
C ALA A 272 9.00 -10.41 -8.34
N GLY A 273 10.04 -9.78 -8.89
CA GLY A 273 9.81 -8.66 -9.82
C GLY A 273 10.59 -8.57 -11.13
N GLU A 274 11.73 -9.26 -11.21
CA GLU A 274 12.56 -9.17 -12.41
C GLU A 274 11.85 -9.84 -13.58
N GLU A 275 11.64 -9.06 -14.65
CA GLU A 275 10.88 -9.54 -15.79
C GLU A 275 11.75 -10.34 -16.76
N ASN A 276 12.12 -11.53 -16.31
CA ASN A 276 12.79 -12.50 -17.17
C ASN A 276 12.72 -13.85 -16.49
N GLY A 277 13.28 -14.85 -17.16
CA GLY A 277 13.12 -16.21 -16.72
C GLY A 277 14.29 -16.73 -15.94
N ASN A 278 15.22 -15.86 -15.55
CA ASN A 278 16.43 -16.29 -14.85
C ASN A 278 16.02 -17.03 -13.58
N ILE A 279 15.15 -16.39 -12.80
CA ILE A 279 14.83 -16.84 -11.44
C ILE A 279 13.33 -17.04 -11.37
N THR A 280 12.91 -18.29 -11.10
CA THR A 280 11.49 -18.64 -11.15
C THR A 280 11.05 -19.44 -9.94
N GLN A 281 11.96 -19.74 -9.01
CA GLN A 281 11.58 -20.54 -7.84
C GLN A 281 12.06 -19.91 -6.56
N TRP A 282 11.45 -20.28 -5.45
CA TRP A 282 11.71 -19.59 -4.23
C TRP A 282 11.44 -20.48 -3.04
N GLY A 283 12.29 -20.36 -2.03
CA GLY A 283 11.97 -20.94 -0.74
C GLY A 283 12.45 -22.38 -0.55
N ALA A 284 12.14 -22.94 0.61
CA ALA A 284 12.69 -24.22 1.07
C ALA A 284 12.26 -25.40 0.25
N THR A 285 11.05 -25.37 -0.31
CA THR A 285 10.61 -26.49 -1.14
C THR A 285 11.21 -26.51 -2.53
N SER A 286 11.87 -25.42 -2.95
CA SER A 286 12.59 -25.47 -4.23
C SER A 286 13.96 -26.10 -4.06
N THR A 287 14.25 -27.09 -4.90
CA THR A 287 15.55 -27.74 -4.91
C THR A 287 16.18 -27.67 -6.30
N ASN A 288 16.00 -26.52 -6.96
CA ASN A 288 16.54 -26.30 -8.29
C ASN A 288 17.41 -25.04 -8.27
N PRO A 289 18.71 -25.21 -8.02
CA PRO A 289 19.68 -24.11 -7.91
C PRO A 289 19.80 -23.24 -9.16
N ALA A 290 19.65 -23.84 -10.33
CA ALA A 290 19.76 -23.06 -11.55
C ALA A 290 18.63 -22.02 -11.67
N LYS A 291 17.57 -22.14 -10.86
CA LYS A 291 16.33 -21.36 -11.07
C LYS A 291 15.83 -20.70 -9.80
N LYS A 292 16.44 -21.09 -8.69
CA LYS A 292 16.06 -20.62 -7.37
C LYS A 292 16.71 -19.28 -7.08
N SER A 293 15.97 -18.44 -6.39
CA SER A 293 16.44 -17.14 -5.96
CA SER A 293 16.43 -17.15 -5.93
C SER A 293 17.71 -17.26 -5.12
N THR A 294 18.58 -16.28 -5.27
CA THR A 294 19.87 -16.25 -4.61
C THR A 294 19.90 -15.38 -3.35
N TRP A 295 18.73 -15.00 -2.84
CA TRP A 295 18.62 -14.38 -1.52
C TRP A 295 17.16 -14.16 -1.13
N GLY A 296 16.95 -13.54 0.04
CA GLY A 296 15.61 -13.23 0.52
C GLY A 296 14.72 -14.43 0.79
N GLN A 297 15.32 -15.50 1.31
CA GLN A 297 14.55 -16.70 1.61
C GLN A 297 13.85 -16.56 2.97
N GLU A 298 13.44 -17.70 3.52
CA GLU A 298 12.63 -17.74 4.74
C GLU A 298 13.29 -17.02 5.93
N ASP A 299 14.59 -17.26 6.09
CA ASP A 299 15.36 -16.58 7.15
CA ASP A 299 15.43 -16.57 7.10
C ASP A 299 15.31 -15.06 7.02
N TYR A 300 15.49 -14.55 5.82
CA TYR A 300 15.47 -13.13 5.56
C TYR A 300 14.10 -12.51 5.83
N LEU A 301 13.06 -13.13 5.27
CA LEU A 301 11.67 -12.79 5.60
C LEU A 301 11.42 -12.67 7.11
N GLU A 302 11.87 -13.65 7.88
CA GLU A 302 11.64 -13.62 9.32
C GLU A 302 12.27 -12.35 9.92
N SER A 303 13.55 -12.15 9.67
CA SER A 303 14.28 -11.02 10.23
C SER A 303 13.73 -9.65 9.80
N GLN A 304 13.19 -9.56 8.58
CA GLN A 304 12.59 -8.32 8.11
C GLN A 304 11.31 -7.96 8.89
N PHE A 305 10.39 -8.91 9.00
CA PHE A 305 9.13 -8.68 9.65
C PHE A 305 9.32 -8.62 11.17
N LYS A 306 10.33 -9.33 11.66
CA LYS A 306 10.76 -9.21 13.07
C LYS A 306 11.18 -7.78 13.39
N SER A 307 11.86 -7.10 12.48
CA SER A 307 12.33 -5.74 12.76
C SER A 307 11.18 -4.73 12.83
N MET A 308 10.14 -4.91 11.99
CA MET A 308 8.95 -4.04 12.02
C MET A 308 8.13 -4.27 13.30
N TYR A 309 8.07 -5.52 13.73
CA TYR A 309 7.41 -5.83 15.00
C TYR A 309 8.13 -5.13 16.16
N ASP A 310 9.45 -5.34 16.23
CA ASP A 310 10.28 -4.82 17.32
C ASP A 310 10.21 -3.29 17.41
N LYS A 311 10.34 -2.61 16.26
CA LYS A 311 10.34 -1.14 16.21
C LYS A 311 8.96 -0.50 16.39
N PHE A 312 7.90 -1.06 15.81
CA PHE A 312 6.59 -0.39 15.77
C PHE A 312 5.44 -1.09 16.48
N VAL A 313 5.22 -2.37 16.16
CA VAL A 313 4.10 -3.12 16.72
C VAL A 313 4.15 -3.07 18.26
N THR A 314 5.35 -3.28 18.81
CA THR A 314 5.53 -3.27 20.27
C THR A 314 5.35 -1.87 20.87
N GLN A 315 5.34 -0.84 20.02
CA GLN A 315 5.14 0.53 20.50
C GLN A 315 3.67 0.99 20.37
N GLY A 316 2.80 0.08 19.95
CA GLY A 316 1.39 0.42 19.72
C GLY A 316 1.04 0.90 18.32
N TYR A 317 1.98 0.86 17.38
CA TYR A 317 1.60 1.20 15.99
C TYR A 317 1.26 -0.08 15.25
N PRO A 318 -0.01 -0.26 14.82
CA PRO A 318 -0.18 -1.37 13.87
C PRO A 318 0.70 -1.20 12.64
N VAL A 319 0.98 -2.32 11.95
CA VAL A 319 1.75 -2.31 10.71
C VAL A 319 0.96 -2.94 9.57
N VAL A 320 0.97 -2.26 8.43
CA VAL A 320 0.28 -2.74 7.23
C VAL A 320 1.36 -2.98 6.18
N ILE A 321 1.53 -4.22 5.75
CA ILE A 321 2.31 -4.57 4.57
C ILE A 321 1.45 -4.31 3.31
N GLY A 322 1.40 -3.04 2.85
CA GLY A 322 0.38 -2.58 1.90
C GLY A 322 0.44 -3.18 0.51
N GLU A 323 1.60 -3.74 0.17
CA GLU A 323 1.79 -4.51 -1.05
C GLU A 323 2.84 -5.64 -0.85
N PHE A 324 2.54 -6.79 -1.45
CA PHE A 324 3.46 -7.94 -1.58
C PHE A 324 2.94 -8.79 -2.76
N GLY A 325 3.81 -9.63 -3.30
CA GLY A 325 3.41 -10.48 -4.39
C GLY A 325 4.58 -10.78 -5.30
N SER A 326 4.37 -11.71 -6.23
CA SER A 326 5.37 -12.10 -7.21
C SER A 326 4.69 -12.19 -8.58
N ILE A 327 5.45 -11.78 -9.60
CA ILE A 327 4.99 -11.73 -10.96
C ILE A 327 4.88 -13.13 -11.57
N ASP A 328 3.93 -13.27 -12.50
CA ASP A 328 3.73 -14.56 -13.21
C ASP A 328 4.89 -14.92 -14.16
N LYS A 329 5.60 -16.00 -13.83
CA LYS A 329 6.72 -16.50 -14.66
C LYS A 329 6.48 -17.92 -15.24
N THR A 330 5.21 -18.31 -15.34
CA THR A 330 4.83 -19.63 -15.86
C THR A 330 5.19 -19.76 -17.33
N SER A 331 5.43 -18.63 -18.01
CA SER A 331 5.86 -18.61 -19.42
C SER A 331 7.33 -19.02 -19.57
N TYR A 332 8.05 -19.09 -18.44
CA TYR A 332 9.45 -19.51 -18.39
C TYR A 332 9.68 -20.86 -17.72
N ASP A 333 8.82 -21.16 -16.76
CA ASP A 333 8.96 -22.33 -15.88
C ASP A 333 7.56 -22.75 -15.49
N SER A 334 7.17 -23.93 -15.95
CA SER A 334 5.84 -24.41 -15.71
C SER A 334 5.54 -24.71 -14.23
N SER A 335 6.55 -24.67 -13.35
CA SER A 335 6.34 -24.86 -11.88
C SER A 335 6.15 -23.55 -11.06
N ASN A 336 6.19 -22.40 -11.74
CA ASN A 336 6.28 -21.09 -11.07
C ASN A 336 5.15 -20.78 -10.10
N ASN A 337 3.93 -21.18 -10.47
CA ASN A 337 2.76 -20.92 -9.59
C ASN A 337 2.83 -21.65 -8.26
N VAL A 338 3.58 -22.74 -8.22
CA VAL A 338 3.80 -23.45 -6.97
C VAL A 338 4.56 -22.52 -6.03
N TYR A 339 5.54 -21.84 -6.59
CA TYR A 339 6.42 -20.96 -5.83
C TYR A 339 5.80 -19.58 -5.59
N ARG A 340 4.93 -19.13 -6.48
CA ARG A 340 4.16 -17.91 -6.21
C ARG A 340 3.22 -18.14 -5.00
N ALA A 341 2.57 -19.29 -4.92
CA ALA A 341 1.73 -19.62 -3.76
C ALA A 341 2.53 -19.79 -2.46
N ALA A 342 3.71 -20.41 -2.57
CA ALA A 342 4.60 -20.63 -1.42
C ALA A 342 5.10 -19.29 -0.87
N TYR A 343 5.49 -18.40 -1.76
CA TYR A 343 5.93 -17.06 -1.42
C TYR A 343 4.79 -16.33 -0.71
N ALA A 344 3.61 -16.30 -1.32
CA ALA A 344 2.45 -15.63 -0.71
C ALA A 344 2.04 -16.26 0.63
N LYS A 345 2.13 -17.59 0.75
CA LYS A 345 1.82 -18.23 2.03
C LYS A 345 2.78 -17.75 3.10
N ALA A 346 4.07 -17.77 2.77
CA ALA A 346 5.10 -17.42 3.76
C ALA A 346 4.95 -15.99 4.21
N VAL A 347 4.82 -15.09 3.24
CA VAL A 347 4.65 -13.66 3.53
C VAL A 347 3.40 -13.37 4.41
N THR A 348 2.28 -13.99 4.07
CA THR A 348 1.04 -13.81 4.82
C THR A 348 1.16 -14.37 6.25
N ALA A 349 1.73 -15.57 6.38
CA ALA A 349 1.85 -16.25 7.67
C ALA A 349 2.83 -15.52 8.58
N LYS A 350 3.90 -14.94 8.02
CA LYS A 350 4.87 -14.17 8.82
C LYS A 350 4.26 -12.88 9.34
N ALA A 351 3.54 -12.18 8.49
CA ALA A 351 2.78 -11.01 8.91
C ALA A 351 1.80 -11.36 10.00
N LYS A 352 1.09 -12.46 9.83
CA LYS A 352 0.13 -12.91 10.84
C LYS A 352 0.84 -13.11 12.19
N LYS A 353 2.03 -13.71 12.13
CA LYS A 353 2.84 -14.02 13.32
C LYS A 353 3.24 -12.72 14.04
N TYR A 354 3.66 -11.71 13.28
CA TYR A 354 4.09 -10.44 13.85
C TYR A 354 3.02 -9.34 13.97
N LYS A 355 1.76 -9.73 13.85
CA LYS A 355 0.62 -8.84 14.06
C LYS A 355 0.62 -7.67 13.08
N MET A 356 0.88 -7.96 11.81
CA MET A 356 0.77 -6.95 10.75
C MET A 356 -0.22 -7.42 9.71
N VAL A 357 -0.74 -6.48 8.91
CA VAL A 357 -1.76 -6.80 7.91
C VAL A 357 -1.07 -7.02 6.55
N PRO A 358 -1.19 -8.24 5.98
CA PRO A 358 -0.66 -8.48 4.65
C PRO A 358 -1.69 -8.14 3.59
N VAL A 359 -1.30 -7.32 2.61
CA VAL A 359 -2.18 -6.84 1.55
C VAL A 359 -1.58 -7.19 0.17
N TYR A 360 -2.20 -8.14 -0.53
CA TYR A 360 -1.73 -8.58 -1.82
C TYR A 360 -1.78 -7.54 -2.96
N TRP A 361 -0.69 -7.43 -3.72
CA TRP A 361 -0.65 -6.57 -4.92
C TRP A 361 -1.22 -7.27 -6.17
N ASP A 362 -2.41 -6.86 -6.59
CA ASP A 362 -3.07 -7.43 -7.78
C ASP A 362 -3.20 -6.28 -8.76
N ASN A 363 -2.55 -6.39 -9.91
CA ASN A 363 -2.67 -5.31 -10.88
C ASN A 363 -3.67 -5.63 -12.04
N GLY A 364 -4.41 -6.74 -11.92
CA GLY A 364 -5.39 -7.09 -12.96
C GLY A 364 -4.83 -7.75 -14.22
N HIS A 365 -3.52 -7.71 -14.36
CA HIS A 365 -2.89 -8.35 -15.49
C HIS A 365 -2.72 -9.86 -15.27
N ASN A 366 -3.44 -10.63 -16.09
CA ASN A 366 -3.30 -12.06 -16.14
C ASN A 366 -2.48 -12.28 -17.39
N GLY A 367 -1.24 -12.73 -17.25
CA GLY A 367 -0.36 -12.83 -18.43
C GLY A 367 1.07 -12.81 -17.96
N GLN A 368 2.00 -12.69 -18.90
CA GLN A 368 3.41 -12.71 -18.60
C GLN A 368 3.79 -11.57 -17.65
N HIS A 369 4.30 -11.93 -16.47
CA HIS A 369 4.77 -10.97 -15.48
C HIS A 369 3.59 -10.33 -14.77
N GLY A 370 2.40 -10.88 -14.97
CA GLY A 370 1.20 -10.44 -14.27
C GLY A 370 1.21 -10.76 -12.81
N PHE A 371 0.33 -10.08 -12.07
CA PHE A 371 0.15 -10.26 -10.65
C PHE A 371 -1.27 -10.69 -10.33
N ALA A 372 -2.17 -10.70 -11.34
CA ALA A 372 -3.60 -10.86 -11.09
C ALA A 372 -3.95 -12.20 -10.47
N LEU A 373 -4.98 -12.17 -9.64
CA LEU A 373 -5.57 -13.42 -9.06
C LEU A 373 -6.99 -13.60 -9.56
N PHE A 374 -7.54 -12.54 -10.15
CA PHE A 374 -8.85 -12.53 -10.78
C PHE A 374 -8.76 -11.99 -12.23
N ASN A 375 -9.64 -12.50 -13.08
CA ASN A 375 -9.97 -11.89 -14.34
C ASN A 375 -11.08 -10.86 -14.08
N ARG A 376 -10.75 -9.59 -14.27
CA ARG A 376 -11.68 -8.54 -13.90
C ARG A 376 -12.73 -8.39 -15.00
N SER A 377 -12.42 -8.82 -16.23
CA SER A 377 -13.40 -8.85 -17.35
C SER A 377 -14.56 -9.84 -17.18
N ASN A 378 -14.23 -11.03 -16.70
CA ASN A 378 -15.29 -12.02 -16.51
CA ASN A 378 -15.18 -12.13 -16.50
C ASN A 378 -15.62 -12.27 -15.05
N ASN A 379 -14.97 -11.52 -14.16
CA ASN A 379 -15.25 -11.61 -12.73
C ASN A 379 -15.05 -13.04 -12.20
N THR A 380 -14.00 -13.70 -12.67
CA THR A 380 -13.67 -15.07 -12.29
C THR A 380 -12.29 -15.11 -11.61
N VAL A 381 -12.09 -16.16 -10.82
CA VAL A 381 -10.81 -16.44 -10.20
C VAL A 381 -9.85 -17.04 -11.22
N THR A 382 -8.62 -16.52 -11.24
CA THR A 382 -7.60 -17.07 -12.14
C THR A 382 -6.39 -17.69 -11.42
N GLN A 383 -6.25 -17.42 -10.12
CA GLN A 383 -5.15 -17.98 -9.33
C GLN A 383 -5.62 -18.54 -7.99
N GLN A 384 -6.51 -19.51 -8.04
CA GLN A 384 -7.07 -20.11 -6.84
C GLN A 384 -6.05 -20.63 -5.83
N ASN A 385 -4.93 -21.19 -6.31
CA ASN A 385 -3.84 -21.69 -5.47
CA ASN A 385 -3.93 -21.71 -5.38
C ASN A 385 -3.18 -20.59 -4.64
N ILE A 386 -3.00 -19.42 -5.27
CA ILE A 386 -2.39 -18.29 -4.55
C ILE A 386 -3.37 -17.78 -3.49
N ILE A 387 -4.65 -17.61 -3.86
CA ILE A 387 -5.68 -17.25 -2.90
C ILE A 387 -5.70 -18.24 -1.74
N ASN A 388 -5.62 -19.53 -2.07
CA ASN A 388 -5.55 -20.61 -1.08
C ASN A 388 -4.36 -20.50 -0.16
N ALA A 389 -3.20 -20.12 -0.71
CA ALA A 389 -2.00 -19.93 0.08
C ALA A 389 -2.18 -18.75 1.07
N ILE A 390 -2.75 -17.65 0.59
CA ILE A 390 -3.07 -16.49 1.47
C ILE A 390 -4.00 -16.86 2.63
N MET A 391 -5.11 -17.52 2.32
CA MET A 391 -6.04 -17.95 3.35
C MET A 391 -5.46 -18.96 4.35
N GLN A 392 -4.65 -19.89 3.85
CA GLN A 392 -3.89 -20.79 4.73
C GLN A 392 -2.94 -20.00 5.64
N GLY A 393 -2.26 -19.00 5.08
CA GLY A 393 -1.34 -18.15 5.85
C GLY A 393 -2.05 -17.35 6.96
N MET A 394 -3.30 -17.00 6.72
CA MET A 394 -4.11 -16.22 7.65
C MET A 394 -4.70 -17.02 8.80
N GLN A 395 -4.38 -18.31 8.87
CA GLN A 395 -4.93 -19.18 9.90
C GLN A 395 -4.08 -19.27 11.17
#